data_4B8V
#
_entry.id   4B8V
#
_cell.length_a   57.500
_cell.length_b   57.500
_cell.length_c   118.730
_cell.angle_alpha   90.00
_cell.angle_beta   90.00
_cell.angle_gamma   120.00
#
_symmetry.space_group_name_H-M   'P 32 2 1'
#
loop_
_entity.id
_entity.type
_entity.pdbx_description
1 polymer 'EXTRACELLULAR PROTEIN 6'
2 branched 2-acetamido-2-deoxy-beta-D-glucopyranose-(1-4)-2-acetamido-2-deoxy-beta-D-glucopyranose
3 branched 2-acetamido-2-deoxy-beta-D-glucopyranose-(1-4)-2-acetamido-2-deoxy-beta-D-glucopyranose-(1-4)-2-acetamido-2-deoxy-beta-D-glucopyranose-(1-4)-2-acetamido-2-deoxy-alpha-D-glucopyranose
4 non-polymer 2-acetamido-2-deoxy-beta-D-glucopyranose
5 water water
#
_entity_poly.entity_id   1
_entity_poly.type   'polypeptide(L)'
_entity_poly.pdbx_seq_one_letter_code
;MQSMILFAAALMGAAVNGFVLPRTDDPDCETKATDCGSTSNIKYTVVKGDTLTSIAKKFKSGICNIVSVNKLANPNLIEL
GATLIIPENCSNPDNKSCVSTPAEPTETCVPGLPGSYTIVSGDTLTNISQDFNITLDSLIAANTQIENPDAIDVGQIITV
PVCPSSQCEAVGTYNIVAGDLFVDLAATYHTTIGQIKALNNNVNPSKLKVGQQIILPQDCKNVTTAVA
;
_entity_poly.pdbx_strand_id   A
#
# COMPACT_ATOMS: atom_id res chain seq x y z
N CYS A 36 -20.76 -14.93 -9.13
CA CYS A 36 -19.93 -15.36 -7.96
C CYS A 36 -20.45 -16.74 -7.48
N GLY A 37 -21.72 -17.02 -7.72
CA GLY A 37 -22.36 -18.24 -7.22
C GLY A 37 -22.31 -18.23 -5.70
N SER A 38 -22.70 -17.08 -5.12
CA SER A 38 -22.75 -16.90 -3.67
C SER A 38 -23.96 -17.63 -3.11
N THR A 39 -23.92 -17.87 -1.81
CA THR A 39 -25.04 -18.53 -1.12
C THR A 39 -25.89 -17.52 -0.33
N SER A 40 -25.44 -16.27 -0.25
CA SER A 40 -26.20 -15.19 0.39
C SER A 40 -25.47 -13.89 0.13
N ASN A 41 -26.18 -12.78 0.30
CA ASN A 41 -25.55 -11.47 0.27
C ASN A 41 -25.71 -10.77 1.62
N ILE A 42 -24.60 -10.24 2.12
CA ILE A 42 -24.58 -9.46 3.36
C ILE A 42 -24.29 -8.00 2.99
N LYS A 43 -24.96 -7.08 3.68
CA LYS A 43 -24.52 -5.69 3.67
C LYS A 43 -23.50 -5.55 4.80
N TYR A 44 -22.35 -5.00 4.46
CA TYR A 44 -21.20 -4.96 5.35
C TYR A 44 -20.67 -3.54 5.49
N THR A 45 -20.24 -3.20 6.69
CA THR A 45 -19.71 -1.85 6.95
C THR A 45 -18.20 -1.88 6.99
N VAL A 46 -17.57 -1.03 6.18
CA VAL A 46 -16.11 -1.01 6.03
C VAL A 46 -15.49 -0.39 7.29
N VAL A 47 -14.52 -1.08 7.84
CA VAL A 47 -13.84 -0.66 9.07
C VAL A 47 -12.33 -0.54 8.88
N LYS A 48 -11.67 0.02 9.89
CA LYS A 48 -10.24 0.22 9.87
C LYS A 48 -9.51 -1.07 9.47
N GLY A 49 -8.57 -0.93 8.55
CA GLY A 49 -7.73 -2.02 8.11
C GLY A 49 -8.31 -2.77 6.92
N ASP A 50 -9.57 -2.50 6.56
CA ASP A 50 -10.17 -3.24 5.44
C ASP A 50 -9.56 -2.90 4.08
N THR A 51 -9.43 -3.95 3.27
CA THR A 51 -9.26 -3.82 1.81
C THR A 51 -10.26 -4.78 1.17
N LEU A 52 -10.46 -4.68 -0.13
CA LEU A 52 -11.32 -5.66 -0.76
C LEU A 52 -10.70 -7.05 -0.68
N THR A 53 -9.36 -7.11 -0.63
CA THR A 53 -8.72 -8.42 -0.48
C THR A 53 -9.08 -8.99 0.89
N SER A 54 -8.96 -8.18 1.95
CA SER A 54 -9.29 -8.74 3.30
C SER A 54 -10.77 -9.08 3.47
N ILE A 55 -11.65 -8.25 2.91
CA ILE A 55 -13.10 -8.51 2.91
C ILE A 55 -13.48 -9.76 2.13
N ALA A 56 -12.90 -9.91 0.95
CA ALA A 56 -13.17 -11.05 0.10
C ALA A 56 -12.75 -12.32 0.83
N LYS A 57 -11.66 -12.26 1.60
CA LYS A 57 -11.18 -13.47 2.28
C LYS A 57 -12.05 -13.81 3.49
N LYS A 58 -12.44 -12.80 4.26
CA LYS A 58 -13.35 -12.99 5.39
C LYS A 58 -14.67 -13.62 4.97
N PHE A 59 -15.25 -13.15 3.87
CA PHE A 59 -16.55 -13.63 3.44
C PHE A 59 -16.53 -14.70 2.32
N LYS A 60 -15.33 -15.21 2.00
CA LYS A 60 -15.15 -16.16 0.91
C LYS A 60 -15.85 -15.67 -0.36
N SER A 61 -15.61 -14.41 -0.70
CA SER A 61 -16.18 -13.75 -1.87
C SER A 61 -15.07 -13.57 -2.90
N GLY A 62 -15.35 -12.79 -3.95
CA GLY A 62 -14.31 -12.35 -4.85
C GLY A 62 -14.19 -10.83 -4.92
N ILE A 63 -12.96 -10.33 -4.98
CA ILE A 63 -12.68 -8.91 -5.12
C ILE A 63 -13.54 -8.30 -6.24
N CYS A 64 -13.50 -8.92 -7.41
CA CYS A 64 -14.12 -8.29 -8.58
C CYS A 64 -15.65 -8.40 -8.57
N ASN A 65 -16.17 -9.42 -7.90
CA ASN A 65 -17.60 -9.52 -7.70
C ASN A 65 -18.10 -8.38 -6.78
N ILE A 66 -17.34 -8.03 -5.75
CA ILE A 66 -17.73 -6.94 -4.84
C ILE A 66 -17.67 -5.62 -5.65
N VAL A 67 -16.64 -5.48 -6.48
CA VAL A 67 -16.52 -4.31 -7.36
C VAL A 67 -17.72 -4.18 -8.27
N SER A 68 -18.08 -5.28 -8.90
CA SER A 68 -19.15 -5.28 -9.87
C SER A 68 -20.51 -4.97 -9.23
N VAL A 69 -20.84 -5.65 -8.13
CA VAL A 69 -22.13 -5.49 -7.49
C VAL A 69 -22.31 -4.09 -6.88
N ASN A 70 -21.23 -3.48 -6.42
CA ASN A 70 -21.30 -2.16 -5.81
C ASN A 70 -20.94 -1.02 -6.76
N LYS A 71 -20.67 -1.33 -8.01
CA LYS A 71 -20.25 -0.32 -9.01
C LYS A 71 -19.13 0.59 -8.51
N LEU A 72 -18.11 -0.03 -7.93
CA LEU A 72 -16.93 0.69 -7.47
C LEU A 72 -16.10 1.04 -8.67
N ALA A 73 -15.72 2.31 -8.77
CA ALA A 73 -14.82 2.80 -9.81
C ALA A 73 -13.38 2.33 -9.67
N ASN A 74 -12.94 2.06 -8.45
CA ASN A 74 -11.51 1.76 -8.20
C ASN A 74 -11.42 0.67 -7.13
N PRO A 75 -11.03 -0.56 -7.53
CA PRO A 75 -10.98 -1.68 -6.56
C PRO A 75 -10.09 -1.39 -5.33
N ASN A 76 -9.14 -0.47 -5.44
CA ASN A 76 -8.29 -0.12 -4.31
C ASN A 76 -8.91 0.84 -3.27
N LEU A 77 -10.08 1.41 -3.61
CA LEU A 77 -10.69 2.47 -2.81
C LEU A 77 -12.03 2.03 -2.23
N ILE A 78 -12.07 1.88 -0.93
CA ILE A 78 -13.30 1.69 -0.18
C ILE A 78 -13.19 2.62 1.03
N GLU A 79 -14.28 3.34 1.31
CA GLU A 79 -14.25 4.38 2.34
C GLU A 79 -14.68 3.82 3.69
N LEU A 80 -13.92 4.19 4.73
CA LEU A 80 -14.33 3.86 6.09
C LEU A 80 -15.78 4.26 6.30
N GLY A 81 -16.55 3.34 6.88
CA GLY A 81 -17.96 3.59 7.20
C GLY A 81 -18.93 3.38 6.05
N ALA A 82 -18.42 3.14 4.85
CA ALA A 82 -19.28 2.79 3.73
C ALA A 82 -19.92 1.41 3.89
N THR A 83 -21.11 1.24 3.31
CA THR A 83 -21.78 -0.06 3.24
C THR A 83 -21.49 -0.69 1.90
N LEU A 84 -21.15 -1.97 1.91
CA LEU A 84 -20.98 -2.74 0.68
C LEU A 84 -21.83 -3.98 0.70
N ILE A 85 -22.38 -4.33 -0.45
CA ILE A 85 -23.05 -5.58 -0.62
C ILE A 85 -21.96 -6.62 -0.93
N ILE A 86 -21.95 -7.72 -0.17
CA ILE A 86 -20.90 -8.73 -0.34
C ILE A 86 -21.54 -10.07 -0.66
N PRO A 87 -21.28 -10.59 -1.86
CA PRO A 87 -21.72 -11.95 -2.10
C PRO A 87 -20.84 -12.94 -1.32
N GLU A 88 -21.45 -13.66 -0.38
CA GLU A 88 -20.73 -14.53 0.55
C GLU A 88 -20.62 -15.96 0.05
N ASN A 89 -19.57 -16.65 0.51
CA ASN A 89 -19.40 -18.08 0.24
C ASN A 89 -19.68 -18.40 -1.23
N CYS A 90 -18.86 -17.80 -2.10
CA CYS A 90 -18.97 -17.97 -3.55
C CYS A 90 -18.36 -19.30 -4.03
N SER A 91 -19.05 -20.00 -4.91
CA SER A 91 -18.46 -21.20 -5.53
C SER A 91 -17.46 -20.82 -6.64
N ASN A 92 -17.57 -19.60 -7.15
CA ASN A 92 -16.83 -19.17 -8.33
C ASN A 92 -16.35 -17.73 -8.14
N PRO A 93 -15.46 -17.51 -7.18
CA PRO A 93 -15.00 -16.14 -6.90
C PRO A 93 -14.05 -15.64 -7.99
N ASP A 94 -14.17 -14.36 -8.34
CA ASP A 94 -13.27 -13.68 -9.28
C ASP A 94 -12.44 -12.68 -8.50
N ASN A 95 -11.15 -12.96 -8.36
CA ASN A 95 -10.21 -12.08 -7.71
C ASN A 95 -9.16 -11.53 -8.67
N LYS A 96 -9.33 -11.78 -9.97
CA LYS A 96 -8.27 -11.53 -10.95
C LYS A 96 -8.64 -10.54 -12.07
N SER A 97 -9.89 -10.50 -12.49
CA SER A 97 -10.24 -9.81 -13.73
C SER A 97 -10.11 -8.30 -13.67
N CYS A 98 -10.26 -7.71 -12.50
CA CYS A 98 -10.36 -6.26 -12.35
C CYS A 98 -9.14 -5.66 -11.66
N VAL A 99 -8.21 -6.50 -11.19
CA VAL A 99 -7.07 -6.03 -10.42
C VAL A 99 -5.79 -6.62 -11.00
N SER A 100 -4.71 -5.86 -10.95
CA SER A 100 -3.41 -6.41 -11.29
C SER A 100 -2.73 -6.83 -9.99
N THR A 101 -2.80 -8.13 -9.68
CA THR A 101 -2.14 -8.66 -8.47
C THR A 101 -0.61 -8.66 -8.63
N PRO A 102 0.10 -7.74 -7.91
CA PRO A 102 1.56 -7.74 -8.07
C PRO A 102 2.22 -8.91 -7.32
N ALA A 103 3.31 -9.43 -7.86
CA ALA A 103 3.99 -10.58 -7.27
C ALA A 103 4.76 -10.16 -6.02
N GLU A 104 5.40 -11.14 -5.41
CA GLU A 104 6.24 -10.90 -4.25
C GLU A 104 7.39 -10.02 -4.74
N PRO A 105 7.78 -9.00 -3.95
CA PRO A 105 8.95 -8.23 -4.34
C PRO A 105 10.20 -9.09 -4.54
N THR A 106 11.02 -8.69 -5.52
CA THR A 106 12.29 -9.35 -5.81
C THR A 106 13.50 -8.44 -5.73
N GLU A 107 13.30 -7.11 -5.80
CA GLU A 107 14.38 -6.19 -5.70
C GLU A 107 14.93 -6.14 -4.28
N THR A 108 16.17 -5.73 -4.15
CA THR A 108 16.84 -5.66 -2.87
C THR A 108 17.27 -4.24 -2.49
N CYS A 109 16.83 -3.26 -3.29
CA CYS A 109 17.03 -1.85 -3.02
C CYS A 109 15.97 -1.00 -3.68
N VAL A 110 15.84 0.21 -3.14
CA VAL A 110 14.84 1.20 -3.57
C VAL A 110 15.61 2.31 -4.32
N PRO A 111 15.18 2.76 -5.52
CA PRO A 111 15.85 3.84 -6.23
C PRO A 111 15.61 5.23 -5.59
N GLY A 112 16.67 5.98 -5.43
CA GLY A 112 16.59 7.43 -5.15
C GLY A 112 16.55 7.86 -3.71
N LEU A 113 15.56 7.40 -2.95
CA LEU A 113 15.34 7.82 -1.59
C LEU A 113 14.38 6.86 -0.94
N PRO A 114 14.24 6.91 0.39
CA PRO A 114 14.91 7.72 1.38
C PRO A 114 16.03 6.90 2.02
N GLY A 115 16.88 7.54 2.78
CA GLY A 115 17.89 6.79 3.55
C GLY A 115 17.32 6.04 4.74
N SER A 116 16.15 6.47 5.27
CA SER A 116 15.63 5.98 6.50
C SER A 116 14.09 6.08 6.45
N TYR A 117 13.51 5.36 7.35
CA TYR A 117 12.05 5.30 7.56
C TYR A 117 11.83 5.14 9.04
N THR A 118 10.82 5.87 9.58
CA THR A 118 10.43 5.74 10.99
C THR A 118 9.17 4.90 11.26
N ILE A 119 9.28 3.91 12.10
CA ILE A 119 8.23 2.97 12.42
C ILE A 119 7.06 3.71 13.07
N VAL A 120 5.88 3.42 12.56
CA VAL A 120 4.61 3.92 13.15
C VAL A 120 3.77 2.75 13.66
N SER A 121 2.73 3.06 14.42
CA SER A 121 1.91 2.04 15.00
C SER A 121 1.38 1.10 13.93
N GLY A 122 1.51 -0.20 14.21
CA GLY A 122 1.03 -1.19 13.28
C GLY A 122 2.02 -1.67 12.24
N ASP A 123 3.15 -0.99 12.11
CA ASP A 123 4.12 -1.33 11.06
C ASP A 123 4.80 -2.65 11.43
N THR A 124 5.15 -3.43 10.40
CA THR A 124 6.01 -4.62 10.57
C THR A 124 7.06 -4.54 9.48
N LEU A 125 8.21 -5.16 9.71
CA LEU A 125 9.21 -5.13 8.64
C LEU A 125 8.72 -5.82 7.35
N THR A 126 7.92 -6.89 7.51
CA THR A 126 7.27 -7.47 6.35
C THR A 126 6.46 -6.51 5.53
N ASN A 127 5.59 -5.75 6.20
CA ASN A 127 4.76 -4.84 5.44
C ASN A 127 5.49 -3.62 4.92
N ILE A 128 6.52 -3.16 5.65
CA ILE A 128 7.28 -2.02 5.20
C ILE A 128 8.11 -2.41 3.96
N SER A 129 8.76 -3.59 3.99
CA SER A 129 9.49 -4.07 2.80
C SER A 129 8.56 -4.18 1.61
N GLN A 130 7.37 -4.75 1.81
CA GLN A 130 6.37 -4.81 0.74
C GLN A 130 6.05 -3.41 0.17
N ASP A 131 5.85 -2.45 1.08
CA ASP A 131 5.56 -1.08 0.63
C ASP A 131 6.69 -0.47 -0.20
N PHE A 132 7.94 -0.79 0.14
CA PHE A 132 9.09 -0.36 -0.62
C PHE A 132 9.42 -1.24 -1.85
N ASN A 133 8.60 -2.27 -2.06
CA ASN A 133 8.80 -3.22 -3.14
C ASN A 133 10.18 -3.86 -3.10
N ILE A 134 10.64 -4.18 -1.90
CA ILE A 134 11.92 -4.91 -1.73
C ILE A 134 11.67 -6.17 -0.90
N THR A 135 12.60 -7.12 -0.98
CA THR A 135 12.49 -8.30 -0.18
C THR A 135 12.67 -7.96 1.31
N LEU A 136 11.94 -8.71 2.14
CA LEU A 136 12.12 -8.63 3.59
C LEU A 136 13.55 -8.83 3.96
N ASP A 137 14.13 -9.89 3.39
CA ASP A 137 15.51 -10.14 3.59
C ASP A 137 16.47 -8.93 3.40
N SER A 138 16.23 -8.18 2.33
CA SER A 138 17.07 -7.01 2.08
C SER A 138 16.91 -5.91 3.13
N LEU A 139 15.69 -5.75 3.62
CA LEU A 139 15.46 -4.72 4.63
C LEU A 139 16.09 -5.12 5.96
N ILE A 140 15.97 -6.40 6.32
CA ILE A 140 16.62 -6.89 7.56
C ILE A 140 18.15 -6.74 7.44
N ALA A 141 18.68 -7.16 6.28
CA ALA A 141 20.14 -7.01 6.01
C ALA A 141 20.68 -5.62 6.11
N ALA A 142 19.82 -4.64 5.79
CA ALA A 142 20.16 -3.22 5.90
C ALA A 142 20.15 -2.70 7.33
N ASN A 143 19.64 -3.52 8.25
CA ASN A 143 19.37 -3.11 9.62
C ASN A 143 19.92 -4.11 10.64
N THR A 144 21.24 -4.28 10.62
CA THR A 144 21.84 -5.32 11.47
C THR A 144 21.80 -4.93 12.95
N GLN A 145 21.56 -3.64 13.22
CA GLN A 145 21.33 -3.18 14.59
C GLN A 145 20.06 -3.70 15.24
N ILE A 146 19.11 -4.22 14.46
CA ILE A 146 17.87 -4.75 15.01
C ILE A 146 18.16 -6.15 15.49
N GLU A 147 17.97 -6.40 16.77
CA GLU A 147 18.30 -7.70 17.33
C GLU A 147 17.32 -8.77 16.93
N ASN A 148 16.02 -8.46 16.98
CA ASN A 148 14.93 -9.39 16.64
C ASN A 148 14.01 -8.64 15.68
N PRO A 149 13.91 -9.09 14.40
CA PRO A 149 13.10 -8.35 13.43
C PRO A 149 11.60 -8.27 13.72
N ASP A 150 11.12 -9.02 14.69
CA ASP A 150 9.72 -9.02 15.05
C ASP A 150 9.48 -8.10 16.26
N ALA A 151 10.52 -7.45 16.78
CA ALA A 151 10.40 -6.59 17.97
C ALA A 151 10.92 -5.22 17.58
N ILE A 152 10.04 -4.44 16.99
CA ILE A 152 10.39 -3.07 16.63
C ILE A 152 9.43 -2.14 17.38
N ASP A 153 9.81 -0.88 17.52
CA ASP A 153 9.06 0.04 18.38
C ASP A 153 8.63 1.25 17.60
N VAL A 154 7.48 1.78 17.96
CA VAL A 154 7.01 3.03 17.33
C VAL A 154 8.08 4.09 17.59
N GLY A 155 8.46 4.82 16.55
CA GLY A 155 9.50 5.81 16.68
C GLY A 155 10.89 5.38 16.35
N GLN A 156 11.09 4.07 16.24
CA GLN A 156 12.41 3.57 15.80
C GLN A 156 12.71 3.92 14.36
N ILE A 157 13.96 4.29 14.05
CA ILE A 157 14.38 4.62 12.72
C ILE A 157 15.11 3.42 12.14
N ILE A 158 14.72 3.06 10.93
CA ILE A 158 15.40 1.94 10.19
C ILE A 158 16.01 2.51 8.97
N THR A 159 17.09 1.88 8.50
CA THR A 159 17.71 2.18 7.23
C THR A 159 16.93 1.53 6.08
N VAL A 160 16.75 2.30 5.02
CA VAL A 160 16.19 1.83 3.79
C VAL A 160 17.34 1.67 2.78
N PRO A 161 17.54 0.43 2.25
CA PRO A 161 18.60 0.29 1.29
C PRO A 161 18.26 0.92 -0.04
N VAL A 162 19.06 1.93 -0.39
CA VAL A 162 18.87 2.68 -1.65
C VAL A 162 19.86 2.21 -2.70
N CYS A 163 19.39 2.00 -3.92
CA CYS A 163 20.24 1.53 -5.03
C CYS A 163 21.35 2.52 -5.28
N PRO A 164 22.61 2.07 -5.43
CA PRO A 164 23.60 3.02 -5.85
C PRO A 164 23.26 3.63 -7.22
N SER A 165 23.74 4.85 -7.46
CA SER A 165 23.48 5.54 -8.70
C SER A 165 21.99 5.57 -9.06
N SER A 166 21.16 6.20 -8.22
CA SER A 166 19.75 6.26 -8.48
C SER A 166 19.19 7.60 -7.96
N GLN A 167 18.04 8.01 -8.49
CA GLN A 167 17.44 9.27 -8.08
C GLN A 167 15.96 9.29 -8.38
N CYS A 168 15.25 10.19 -7.70
CA CYS A 168 13.92 10.57 -8.15
C CYS A 168 13.99 11.93 -8.74
N GLU A 169 13.16 12.19 -9.74
CA GLU A 169 13.37 13.32 -10.61
C GLU A 169 12.85 14.62 -10.10
N ALA A 170 11.78 14.65 -9.29
N ALA A 170 11.76 14.56 -9.39
CA ALA A 170 11.15 15.97 -8.96
CA ALA A 170 11.22 15.74 -8.80
C ALA A 170 10.21 15.91 -7.75
C ALA A 170 10.61 15.22 -7.55
N VAL A 171 10.75 16.00 -6.53
CA VAL A 171 10.06 15.64 -5.32
C VAL A 171 9.46 16.92 -4.75
N GLY A 172 8.14 16.96 -4.58
CA GLY A 172 7.51 18.26 -4.20
C GLY A 172 6.06 18.09 -3.84
N THR A 173 5.40 19.24 -3.71
CA THR A 173 4.07 19.29 -3.19
C THR A 173 3.06 18.76 -4.19
N TYR A 174 2.03 18.13 -3.65
CA TYR A 174 0.89 17.63 -4.38
C TYR A 174 -0.33 17.77 -3.50
N ASN A 175 -1.45 18.28 -4.05
CA ASN A 175 -2.65 18.37 -3.30
C ASN A 175 -3.57 17.20 -3.61
N ILE A 176 -4.03 16.56 -2.55
CA ILE A 176 -4.88 15.36 -2.65
C ILE A 176 -6.21 15.73 -3.31
N VAL A 177 -6.64 14.90 -4.26
CA VAL A 177 -7.98 15.04 -4.85
C VAL A 177 -8.83 13.85 -4.44
N ALA A 178 -10.14 13.96 -4.61
CA ALA A 178 -11.03 12.92 -4.15
C ALA A 178 -10.64 11.59 -4.74
N GLY A 179 -10.46 10.59 -3.88
CA GLY A 179 -10.22 9.21 -4.33
C GLY A 179 -8.74 8.87 -4.44
N ASP A 180 -7.87 9.86 -4.26
CA ASP A 180 -6.42 9.59 -4.19
C ASP A 180 -6.00 8.66 -3.06
N LEU A 181 -5.05 7.78 -3.39
CA LEU A 181 -4.49 6.79 -2.47
C LEU A 181 -2.99 6.69 -2.74
N PHE A 182 -2.20 6.45 -1.70
CA PHE A 182 -0.76 6.26 -1.89
C PHE A 182 -0.49 5.12 -2.90
N VAL A 183 -1.27 4.03 -2.80
CA VAL A 183 -1.04 2.89 -3.70
C VAL A 183 -1.15 3.27 -5.16
N ASP A 184 -2.11 4.14 -5.46
CA ASP A 184 -2.35 4.56 -6.82
C ASP A 184 -1.41 5.68 -7.26
N LEU A 185 -1.13 6.63 -6.38
CA LEU A 185 -0.14 7.68 -6.71
C LEU A 185 1.23 7.04 -7.01
N ALA A 186 1.55 5.96 -6.30
CA ALA A 186 2.86 5.32 -6.55
C ALA A 186 2.94 4.81 -7.97
N ALA A 187 1.90 4.15 -8.42
CA ALA A 187 1.89 3.70 -9.79
C ALA A 187 1.95 4.85 -10.81
N THR A 188 1.10 5.87 -10.63
CA THR A 188 1.01 6.99 -11.58
C THR A 188 2.32 7.74 -11.70
N TYR A 189 2.95 7.96 -10.57
CA TYR A 189 4.16 8.77 -10.51
C TYR A 189 5.47 7.98 -10.49
N HIS A 190 5.40 6.66 -10.68
CA HIS A 190 6.58 5.80 -10.73
C HIS A 190 7.42 5.92 -9.46
N THR A 191 6.77 5.70 -8.35
CA THR A 191 7.44 5.58 -7.08
C THR A 191 6.84 4.39 -6.33
N THR A 192 6.96 4.38 -5.02
CA THR A 192 6.43 3.34 -4.17
C THR A 192 5.63 3.88 -3.01
N ILE A 193 4.73 3.07 -2.48
CA ILE A 193 4.02 3.43 -1.28
C ILE A 193 5.01 3.81 -0.17
N GLY A 194 6.08 3.01 0.01
CA GLY A 194 7.03 3.26 1.08
C GLY A 194 7.70 4.66 0.97
N GLN A 195 8.06 5.05 -0.25
CA GLN A 195 8.77 6.31 -0.47
C GLN A 195 7.80 7.48 -0.14
N ILE A 196 6.55 7.32 -0.54
CA ILE A 196 5.54 8.37 -0.18
C ILE A 196 5.37 8.40 1.31
N LYS A 197 5.28 7.25 1.97
CA LYS A 197 5.15 7.20 3.41
C LYS A 197 6.33 7.86 4.12
N ALA A 198 7.55 7.59 3.68
CA ALA A 198 8.71 8.13 4.32
C ALA A 198 8.81 9.67 4.27
N LEU A 199 8.34 10.17 3.15
CA LEU A 199 8.35 11.64 2.96
C LEU A 199 7.16 12.28 3.69
N ASN A 200 6.23 11.51 4.20
CA ASN A 200 5.02 11.99 4.90
C ASN A 200 4.81 11.03 6.10
N ASN A 201 5.84 10.90 6.93
CA ASN A 201 5.88 9.76 7.86
C ASN A 201 4.90 9.86 9.05
N ASN A 202 4.31 11.03 9.28
CA ASN A 202 3.24 11.11 10.26
C ASN A 202 1.82 11.28 9.67
N VAL A 203 1.68 10.94 8.40
CA VAL A 203 0.43 10.95 7.67
C VAL A 203 -0.14 9.54 7.58
N ASN A 204 -1.38 9.38 8.05
CA ASN A 204 -2.06 8.08 7.98
C ASN A 204 -2.69 8.01 6.55
N PRO A 205 -2.27 7.02 5.74
CA PRO A 205 -2.78 6.98 4.36
C PRO A 205 -4.30 6.83 4.28
N SER A 206 -4.91 6.37 5.37
CA SER A 206 -6.36 6.17 5.42
C SER A 206 -7.14 7.38 5.88
N LYS A 207 -6.45 8.50 6.09
CA LYS A 207 -7.06 9.71 6.61
C LYS A 207 -6.71 10.92 5.76
N LEU A 208 -6.63 10.71 4.44
CA LEU A 208 -6.27 11.80 3.53
C LEU A 208 -7.53 12.58 3.24
N LYS A 209 -7.38 13.90 3.15
CA LYS A 209 -8.52 14.81 2.94
C LYS A 209 -8.34 15.54 1.61
N VAL A 210 -9.43 15.82 0.92
CA VAL A 210 -9.35 16.61 -0.33
C VAL A 210 -8.70 17.95 -0.02
N GLY A 211 -7.65 18.32 -0.79
CA GLY A 211 -6.89 19.55 -0.59
C GLY A 211 -5.64 19.45 0.27
N GLN A 212 -5.49 18.31 0.96
CA GLN A 212 -4.34 18.06 1.78
C GLN A 212 -3.08 18.10 0.93
N GLN A 213 -2.09 18.82 1.40
CA GLN A 213 -0.78 18.86 0.76
C GLN A 213 0.04 17.67 1.28
N ILE A 214 0.51 16.82 0.37
CA ILE A 214 1.54 15.83 0.70
C ILE A 214 2.78 16.09 -0.15
N ILE A 215 3.87 15.39 0.18
CA ILE A 215 5.13 15.46 -0.57
C ILE A 215 5.21 14.19 -1.41
N LEU A 216 5.40 14.34 -2.70
CA LEU A 216 5.30 13.27 -3.66
C LEU A 216 6.59 13.18 -4.47
N PRO A 217 7.29 12.06 -4.35
CA PRO A 217 8.41 11.86 -5.25
C PRO A 217 7.96 11.33 -6.61
N GLN A 218 8.71 11.58 -7.64
CA GLN A 218 8.34 11.13 -8.98
C GLN A 218 9.51 10.54 -9.71
N ASP A 219 9.19 9.55 -10.54
CA ASP A 219 10.11 9.03 -11.54
C ASP A 219 11.39 8.58 -10.85
N CYS A 220 11.24 7.63 -9.94
CA CYS A 220 12.38 7.10 -9.20
C CYS A 220 12.99 5.93 -9.95
N LYS A 221 14.28 6.03 -10.24
CA LYS A 221 14.92 5.04 -11.11
C LYS A 221 16.39 5.00 -10.91
N ASN A 222 17.03 3.90 -11.35
CA ASN A 222 18.45 3.91 -11.50
C ASN A 222 18.82 4.82 -12.67
N VAL A 223 19.96 5.48 -12.57
CA VAL A 223 20.51 6.27 -13.65
C VAL A 223 21.94 5.83 -13.97
N THR A 224 22.41 6.18 -15.17
CA THR A 224 23.76 5.84 -15.71
C THR A 224 23.79 4.41 -16.22
#